data_3W05
#
_entry.id   3W05
#
_cell.length_a   48.300
_cell.length_b   88.518
_cell.length_c   118.884
_cell.angle_alpha   90.00
_cell.angle_beta   90.00
_cell.angle_gamma   90.00
#
_symmetry.space_group_name_H-M   'P 21 21 21'
#
loop_
_entity.id
_entity.type
_entity.pdbx_description
1 polymer 'Dwarf 88 esterase'
2 non-polymer 'phenylmethanesulfonic acid'
3 non-polymer 1,2-ETHANEDIOL
4 water water
#
_entity_poly.entity_id   1
_entity_poly.type   'polypeptide(L)'
_entity_poly.pdbx_seq_one_letter_code
;GPKLLQILNVRVVGSGERVVVLSHGFGTDQSAWSRVLPYLTRDHRVVLYDLVCAGSVNPDHFDFRRYDNLDAYVDDLLAI
LDALRIPRCAFVGHSVSAMIGILASIRRPDLFAKLVLIGASPRFLNDSDYHGGFELEEIQQVFDAMGANYSAWATGYAPL
AVGADVPAAVQEFSRTLFNMRPDISLHVCQTVFKTDLRGVLGMVRAPCVVVQTTRDVSVPASVAAYLKAHLGGRTTVEFL
QTEGHLPHLSAPSLLAQVLRRALARY
;
_entity_poly.pdbx_strand_id   A,B
#
loop_
_chem_comp.id
_chem_comp.type
_chem_comp.name
_chem_comp.formula
EDO non-polymer 1,2-ETHANEDIOL 'C2 H6 O2'
PMS non-polymer 'phenylmethanesulfonic acid' 'C7 H8 O3 S'
#
# COMPACT_ATOMS: atom_id res chain seq x y z
N LYS A 3 12.05 15.63 2.10
CA LYS A 3 11.92 14.49 1.17
C LYS A 3 12.06 13.19 1.92
N LEU A 4 13.27 12.62 1.95
CA LEU A 4 13.46 11.22 2.28
C LEU A 4 13.05 10.92 3.71
N LEU A 5 13.32 11.83 4.62
CA LEU A 5 12.99 11.57 6.02
C LEU A 5 11.47 11.38 6.18
N GLN A 6 10.68 12.11 5.40
CA GLN A 6 9.25 11.95 5.47
C GLN A 6 8.79 10.72 4.64
N ILE A 7 9.29 10.60 3.41
CA ILE A 7 8.86 9.56 2.49
C ILE A 7 9.10 8.15 3.02
N LEU A 8 10.22 7.97 3.71
CA LEU A 8 10.60 6.65 4.21
C LEU A 8 10.32 6.55 5.72
N ASN A 9 9.44 7.43 6.20
CA ASN A 9 8.90 7.27 7.56
C ASN A 9 10.03 7.15 8.61
N VAL A 10 11.05 8.00 8.49
CA VAL A 10 12.19 7.93 9.44
C VAL A 10 11.76 8.34 10.84
N ARG A 11 12.13 7.53 11.82
CA ARG A 11 11.87 7.84 13.22
C ARG A 11 13.14 7.66 14.02
N VAL A 12 13.41 8.59 14.93
CA VAL A 12 14.56 8.51 15.82
C VAL A 12 13.99 8.44 17.22
N VAL A 13 14.28 7.34 17.93
N VAL A 13 14.33 7.37 17.94
CA VAL A 13 13.80 7.18 19.31
CA VAL A 13 13.81 7.17 19.28
C VAL A 13 14.88 6.66 20.24
C VAL A 13 14.97 6.92 20.24
N GLY A 14 14.72 6.92 21.54
CA GLY A 14 15.75 6.61 22.52
C GLY A 14 16.78 7.74 22.60
N SER A 15 17.92 7.43 23.21
CA SER A 15 19.00 8.41 23.29
C SER A 15 20.30 7.73 23.66
N GLY A 16 21.40 8.33 23.22
CA GLY A 16 22.69 7.79 23.58
C GLY A 16 23.76 8.23 22.61
N GLU A 17 25.00 8.03 23.01
CA GLU A 17 26.14 8.20 22.12
CA GLU A 17 26.10 8.22 22.09
C GLU A 17 26.25 7.06 21.12
N ARG A 18 25.71 5.90 21.50
CA ARG A 18 25.73 4.73 20.62
C ARG A 18 24.47 4.76 19.77
N VAL A 19 24.62 5.02 18.47
CA VAL A 19 23.46 5.07 17.57
C VAL A 19 23.30 3.75 16.87
N VAL A 20 22.08 3.25 16.78
N VAL A 20 22.05 3.33 16.73
CA VAL A 20 21.87 2.03 15.98
CA VAL A 20 21.72 2.05 16.11
C VAL A 20 20.71 2.20 15.05
C VAL A 20 20.70 2.32 15.00
N VAL A 21 20.91 1.74 13.82
CA VAL A 21 19.91 1.83 12.75
C VAL A 21 19.31 0.43 12.62
N LEU A 22 17.97 0.35 12.60
CA LEU A 22 17.31 -0.93 12.31
C LEU A 22 16.66 -0.87 10.95
N SER A 23 16.97 -1.86 10.11
CA SER A 23 16.56 -1.81 8.71
C SER A 23 15.90 -3.15 8.37
N HIS A 24 14.62 -3.10 7.97
CA HIS A 24 13.81 -4.32 7.86
C HIS A 24 14.01 -5.04 6.52
N GLY A 25 13.41 -6.21 6.42
CA GLY A 25 13.58 -7.06 5.23
C GLY A 25 12.38 -7.05 4.29
N PHE A 26 12.31 -8.06 3.44
CA PHE A 26 11.25 -8.16 2.46
C PHE A 26 9.91 -8.52 3.13
N GLY A 27 8.89 -7.73 2.83
CA GLY A 27 7.55 -8.12 3.26
C GLY A 27 7.13 -7.51 4.56
N THR A 28 8.05 -6.82 5.23
CA THR A 28 7.77 -6.18 6.52
C THR A 28 7.99 -4.67 6.36
N ASP A 29 7.80 -3.92 7.46
CA ASP A 29 8.26 -2.53 7.55
C ASP A 29 8.89 -2.33 8.93
N GLN A 30 9.15 -1.09 9.30
CA GLN A 30 9.83 -0.89 10.57
C GLN A 30 9.06 -1.38 11.78
N SER A 31 7.74 -1.57 11.66
CA SER A 31 6.94 -2.14 12.74
C SER A 31 7.39 -3.53 13.16
N ALA A 32 8.15 -4.22 12.29
CA ALA A 32 8.70 -5.54 12.61
C ALA A 32 9.62 -5.47 13.82
N TRP A 33 10.19 -4.30 14.03
CA TRP A 33 11.12 -4.14 15.18
C TRP A 33 10.42 -3.78 16.49
N SER A 34 9.10 -3.69 16.48
CA SER A 34 8.45 -3.06 17.64
C SER A 34 8.65 -3.82 18.94
N ARG A 35 8.80 -5.14 18.87
CA ARG A 35 8.96 -5.89 20.12
C ARG A 35 10.39 -5.89 20.63
N VAL A 36 11.37 -5.76 19.74
CA VAL A 36 12.75 -5.68 20.22
C VAL A 36 13.10 -4.25 20.67
N LEU A 37 12.41 -3.25 20.10
CA LEU A 37 12.80 -1.84 20.29
C LEU A 37 12.94 -1.40 21.75
N PRO A 38 12.01 -1.81 22.64
CA PRO A 38 12.10 -1.38 24.04
C PRO A 38 13.34 -1.92 24.74
N TYR A 39 13.97 -2.95 24.19
CA TYR A 39 15.19 -3.42 24.81
C TYR A 39 16.40 -2.55 24.45
N LEU A 40 16.23 -1.64 23.48
CA LEU A 40 17.38 -0.88 22.96
C LEU A 40 17.35 0.62 23.32
N THR A 41 16.17 1.18 23.60
CA THR A 41 16.06 2.63 23.58
C THR A 41 16.52 3.31 24.86
N ARG A 42 16.70 2.55 25.93
CA ARG A 42 17.23 3.15 27.16
C ARG A 42 18.71 3.45 26.99
N ASP A 43 19.35 2.71 26.10
CA ASP A 43 20.80 2.64 25.97
C ASP A 43 21.31 3.24 24.66
N HIS A 44 20.44 3.39 23.66
CA HIS A 44 20.89 3.77 22.33
C HIS A 44 19.92 4.76 21.74
N ARG A 45 20.45 5.61 20.86
CA ARG A 45 19.63 6.38 19.93
C ARG A 45 19.30 5.46 18.76
N VAL A 46 18.03 5.17 18.52
CA VAL A 46 17.70 4.18 17.49
C VAL A 46 17.04 4.87 16.31
N VAL A 47 17.53 4.63 15.09
CA VAL A 47 16.95 5.19 13.87
C VAL A 47 16.20 4.08 13.17
N LEU A 48 14.91 4.27 12.91
CA LEU A 48 14.11 3.32 12.14
C LEU A 48 13.67 3.99 10.84
N TYR A 49 13.56 3.19 9.77
CA TYR A 49 13.00 3.72 8.54
C TYR A 49 12.39 2.57 7.76
N ASP A 50 11.54 2.90 6.80
CA ASP A 50 11.04 1.89 5.91
C ASP A 50 11.78 1.92 4.56
N LEU A 51 12.06 0.72 4.03
CA LEU A 51 12.58 0.65 2.67
C LEU A 51 11.51 1.19 1.74
N VAL A 52 11.96 1.75 0.62
CA VAL A 52 11.01 2.31 -0.35
C VAL A 52 9.97 1.31 -0.86
N CYS A 53 10.29 0.01 -0.84
CA CYS A 53 9.35 -1.01 -1.28
C CYS A 53 8.31 -1.44 -0.21
N ALA A 54 8.43 -0.94 1.03
CA ALA A 54 7.48 -1.32 2.08
C ALA A 54 6.08 -0.79 1.72
N GLY A 55 5.08 -1.60 2.08
CA GLY A 55 3.66 -1.23 1.86
C GLY A 55 3.26 0.03 2.61
N SER A 56 4.02 0.35 3.65
CA SER A 56 3.75 1.53 4.49
C SER A 56 4.30 2.82 3.85
N VAL A 57 4.97 2.68 2.70
CA VAL A 57 5.45 3.85 1.93
C VAL A 57 4.50 3.98 0.74
N ASN A 58 4.17 5.22 0.36
CA ASN A 58 3.34 5.42 -0.82
C ASN A 58 4.00 4.75 -2.03
N PRO A 59 3.32 3.80 -2.68
CA PRO A 59 4.01 3.03 -3.72
C PRO A 59 4.33 3.84 -4.97
N ASP A 60 3.78 5.05 -5.06
CA ASP A 60 4.06 5.87 -6.21
C ASP A 60 5.45 6.48 -6.14
N HIS A 61 6.14 6.33 -4.99
CA HIS A 61 7.57 6.65 -4.92
C HIS A 61 8.48 5.60 -5.50
N PHE A 62 7.94 4.42 -5.76
CA PHE A 62 8.82 3.35 -6.22
C PHE A 62 9.20 3.49 -7.69
N ASP A 63 10.44 3.86 -7.95
CA ASP A 63 10.89 4.04 -9.34
C ASP A 63 11.53 2.72 -9.78
N PHE A 64 10.91 1.98 -10.71
CA PHE A 64 11.37 0.62 -10.99
C PHE A 64 12.74 0.64 -11.66
N ARG A 65 13.00 1.69 -12.43
CA ARG A 65 14.28 1.83 -13.06
C ARG A 65 15.35 2.04 -11.99
N ARG A 66 15.13 3.02 -11.13
CA ARG A 66 16.13 3.39 -10.13
C ARG A 66 16.44 2.20 -9.24
N TYR A 67 15.41 1.52 -8.74
CA TYR A 67 15.63 0.47 -7.79
C TYR A 67 15.77 -0.87 -8.48
N ASP A 68 16.61 -0.93 -9.48
CA ASP A 68 16.86 -2.16 -10.20
CA ASP A 68 16.84 -2.17 -10.19
C ASP A 68 18.01 -2.91 -9.58
N ASN A 69 18.63 -2.30 -8.57
CA ASN A 69 19.74 -2.96 -7.90
C ASN A 69 19.82 -2.40 -6.51
N LEU A 70 20.56 -3.06 -5.65
CA LEU A 70 20.53 -2.66 -4.25
C LEU A 70 21.29 -1.36 -4.00
N ASP A 71 22.16 -0.96 -4.93
CA ASP A 71 22.90 0.31 -4.71
C ASP A 71 21.95 1.47 -4.47
N ALA A 72 20.78 1.47 -5.09
CA ALA A 72 19.86 2.60 -4.94
C ALA A 72 19.27 2.62 -3.52
N TYR A 73 19.06 1.43 -2.97
CA TYR A 73 18.63 1.33 -1.58
C TYR A 73 19.73 1.81 -0.63
N VAL A 74 20.99 1.49 -0.96
CA VAL A 74 22.10 1.99 -0.17
C VAL A 74 22.13 3.50 -0.23
N ASP A 75 21.85 4.07 -1.42
CA ASP A 75 21.83 5.51 -1.53
C ASP A 75 20.83 6.13 -0.55
N ASP A 76 19.64 5.55 -0.47
CA ASP A 76 18.60 6.05 0.47
C ASP A 76 19.08 6.02 1.90
N LEU A 77 19.64 4.88 2.32
CA LEU A 77 20.14 4.75 3.68
C LEU A 77 21.18 5.80 4.02
N LEU A 78 22.14 5.97 3.11
CA LEU A 78 23.20 6.95 3.32
C LEU A 78 22.65 8.37 3.38
N ALA A 79 21.71 8.66 2.49
CA ALA A 79 21.05 9.98 2.52
C ALA A 79 20.33 10.25 3.84
N ILE A 80 19.67 9.23 4.40
CA ILE A 80 18.99 9.39 5.68
C ILE A 80 20.01 9.70 6.76
N LEU A 81 21.07 8.90 6.85
CA LEU A 81 22.06 9.11 7.91
C LEU A 81 22.75 10.46 7.77
N ASP A 82 23.10 10.83 6.53
CA ASP A 82 23.71 12.15 6.28
C ASP A 82 22.75 13.27 6.65
N ALA A 83 21.48 13.15 6.26
CA ALA A 83 20.47 14.12 6.68
C ALA A 83 20.35 14.33 8.21
N LEU A 84 20.40 13.24 8.96
CA LEU A 84 20.34 13.26 10.41
C LEU A 84 21.67 13.67 11.05
N ARG A 85 22.70 13.89 10.22
CA ARG A 85 24.02 14.27 10.71
C ARG A 85 24.68 13.24 11.62
N ILE A 86 24.47 11.95 11.31
CA ILE A 86 25.04 10.91 12.14
C ILE A 86 26.36 10.46 11.52
N PRO A 87 27.46 10.58 12.26
CA PRO A 87 28.74 10.24 11.69
C PRO A 87 29.15 8.79 11.92
N ARG A 88 28.52 8.10 12.86
CA ARG A 88 28.99 6.77 13.25
C ARG A 88 27.81 6.01 13.86
N CYS A 89 27.58 4.77 13.42
CA CYS A 89 26.44 4.01 13.96
C CYS A 89 26.72 2.51 13.84
N ALA A 90 25.92 1.73 14.55
CA ALA A 90 25.81 0.30 14.30
C ALA A 90 24.55 0.09 13.47
N PHE A 91 24.57 -0.93 12.60
CA PHE A 91 23.47 -1.15 11.69
C PHE A 91 23.02 -2.59 11.83
N VAL A 92 21.72 -2.76 12.08
CA VAL A 92 21.09 -4.09 12.15
C VAL A 92 20.20 -4.26 10.94
N GLY A 93 20.50 -5.25 10.10
CA GLY A 93 19.72 -5.42 8.89
C GLY A 93 19.21 -6.83 8.74
N HIS A 94 17.92 -6.92 8.36
CA HIS A 94 17.31 -8.22 8.12
C HIS A 94 17.22 -8.47 6.63
N SER A 95 17.73 -9.65 6.22
CA SER A 95 17.56 -10.16 4.86
C SER A 95 18.07 -9.19 3.78
N VAL A 96 17.21 -8.65 2.92
CA VAL A 96 17.64 -7.66 1.92
C VAL A 96 18.39 -6.48 2.57
N SER A 97 18.02 -6.13 3.79
CA SER A 97 18.74 -5.06 4.49
C SER A 97 20.10 -5.54 5.00
N ALA A 98 20.32 -6.84 5.16
CA ALA A 98 21.68 -7.28 5.52
C ALA A 98 22.56 -7.02 4.31
N MET A 99 22.04 -7.31 3.11
CA MET A 99 22.76 -7.00 1.87
C MET A 99 23.04 -5.50 1.74
N ILE A 100 22.01 -4.68 1.97
CA ILE A 100 22.16 -3.22 1.96
C ILE A 100 23.24 -2.76 2.94
N GLY A 101 23.21 -3.31 4.15
CA GLY A 101 24.20 -2.98 5.21
C GLY A 101 25.63 -3.31 4.77
N ILE A 102 25.81 -4.50 4.21
CA ILE A 102 27.12 -4.88 3.70
C ILE A 102 27.59 -3.83 2.67
N LEU A 103 26.76 -3.54 1.67
CA LEU A 103 27.19 -2.58 0.63
C LEU A 103 27.46 -1.21 1.24
N ALA A 104 26.62 -0.81 2.17
CA ALA A 104 26.73 0.54 2.72
C ALA A 104 27.99 0.64 3.57
N SER A 105 28.35 -0.43 4.26
CA SER A 105 29.58 -0.42 5.09
C SER A 105 30.86 -0.36 4.22
N ILE A 106 30.75 -0.83 2.98
CA ILE A 106 31.90 -0.76 2.05
C ILE A 106 32.01 0.67 1.47
N ARG A 107 30.87 1.27 1.09
CA ARG A 107 30.85 2.63 0.54
C ARG A 107 31.33 3.68 1.56
N ARG A 108 30.92 3.46 2.81
CA ARG A 108 31.19 4.40 3.90
C ARG A 108 31.67 3.71 5.16
N PRO A 109 32.90 3.20 5.18
CA PRO A 109 33.41 2.48 6.33
C PRO A 109 33.55 3.35 7.58
N ASP A 110 33.67 4.67 7.39
CA ASP A 110 33.66 5.63 8.48
C ASP A 110 32.35 5.62 9.28
N LEU A 111 31.25 5.32 8.59
CA LEU A 111 29.92 5.52 9.17
C LEU A 111 29.45 4.25 9.88
N PHE A 112 29.95 3.10 9.45
CA PHE A 112 29.42 1.85 9.99
C PHE A 112 30.40 1.19 10.93
N ALA A 113 30.14 1.33 12.23
CA ALA A 113 31.05 0.82 13.24
C ALA A 113 30.88 -0.69 13.47
N LYS A 114 29.68 -1.19 13.17
CA LYS A 114 29.39 -2.61 13.44
C LYS A 114 28.14 -2.96 12.68
N LEU A 115 28.11 -4.19 12.14
CA LEU A 115 26.90 -4.71 11.46
C LEU A 115 26.35 -5.89 12.25
N VAL A 116 25.04 -5.99 12.32
CA VAL A 116 24.40 -7.22 12.85
C VAL A 116 23.52 -7.67 11.68
N LEU A 117 23.68 -8.92 11.25
CA LEU A 117 23.03 -9.37 10.02
C LEU A 117 22.11 -10.51 10.40
N ILE A 118 20.82 -10.35 10.12
CA ILE A 118 19.80 -11.33 10.50
C ILE A 118 19.16 -11.87 9.23
N GLY A 119 18.92 -13.18 9.17
CA GLY A 119 18.28 -13.73 7.97
C GLY A 119 19.09 -13.45 6.72
N ALA A 120 20.41 -13.56 6.82
CA ALA A 120 21.35 -12.93 5.88
C ALA A 120 22.02 -13.94 4.98
N SER A 121 22.15 -13.54 3.73
CA SER A 121 22.88 -14.33 2.74
C SER A 121 23.53 -13.41 1.70
N PRO A 122 24.70 -13.79 1.19
CA PRO A 122 25.29 -12.98 0.11
C PRO A 122 24.78 -13.33 -1.28
N ARG A 123 24.03 -14.43 -1.39
CA ARG A 123 23.54 -14.95 -2.67
C ARG A 123 22.60 -16.13 -2.40
N PHE A 124 21.37 -15.99 -2.89
CA PHE A 124 20.35 -16.99 -2.64
C PHE A 124 20.35 -18.10 -3.66
N LEU A 125 20.74 -17.80 -4.90
CA LEU A 125 20.84 -18.86 -5.91
C LEU A 125 22.05 -19.74 -5.69
N ASN A 126 21.90 -21.04 -5.90
CA ASN A 126 23.06 -21.94 -5.89
C ASN A 126 24.06 -21.56 -6.99
N ASP A 127 25.31 -21.97 -6.82
CA ASP A 127 26.32 -21.83 -7.89
C ASP A 127 27.24 -23.03 -7.71
N SER A 128 28.29 -23.16 -8.51
CA SER A 128 29.22 -24.28 -8.32
C SER A 128 29.81 -24.23 -6.91
N ASP A 129 29.75 -25.37 -6.21
CA ASP A 129 30.11 -25.45 -4.79
C ASP A 129 29.76 -24.20 -4.00
N TYR A 130 28.60 -23.62 -4.32
CA TYR A 130 28.03 -22.65 -3.40
C TYR A 130 26.56 -23.01 -3.19
N HIS A 131 26.18 -23.24 -1.94
CA HIS A 131 24.80 -23.61 -1.62
C HIS A 131 24.06 -22.38 -1.10
N GLY A 132 23.31 -21.72 -1.97
CA GLY A 132 22.48 -20.58 -1.60
C GLY A 132 21.08 -20.96 -1.15
N GLY A 133 20.59 -22.09 -1.66
CA GLY A 133 19.29 -22.59 -1.27
C GLY A 133 18.24 -22.63 -2.37
N PHE A 134 18.51 -22.01 -3.51
CA PHE A 134 17.49 -21.87 -4.56
C PHE A 134 18.03 -22.22 -5.94
N GLU A 135 17.14 -22.75 -6.79
CA GLU A 135 17.50 -22.98 -8.20
C GLU A 135 16.72 -22.05 -9.13
N LEU A 136 17.23 -21.83 -10.34
CA LEU A 136 16.56 -20.93 -11.27
C LEU A 136 15.13 -21.32 -11.59
N GLU A 137 14.87 -22.61 -11.82
CA GLU A 137 13.53 -23.03 -12.25
C GLU A 137 12.53 -22.80 -11.13
N GLU A 138 12.99 -22.96 -9.91
CA GLU A 138 12.21 -22.79 -8.71
C GLU A 138 11.80 -21.32 -8.61
N ILE A 139 12.77 -20.43 -8.74
CA ILE A 139 12.42 -19.02 -8.65
C ILE A 139 11.55 -18.52 -9.80
N GLN A 140 11.73 -19.10 -10.98
CA GLN A 140 10.86 -18.77 -12.09
C GLN A 140 9.40 -19.05 -11.69
N GLN A 141 9.16 -20.20 -11.06
CA GLN A 141 7.80 -20.55 -10.61
C GLN A 141 7.30 -19.62 -9.51
N VAL A 142 8.21 -19.22 -8.62
CA VAL A 142 7.87 -18.25 -7.57
C VAL A 142 7.39 -16.97 -8.24
N PHE A 143 8.17 -16.47 -9.21
CA PHE A 143 7.79 -15.21 -9.87
C PHE A 143 6.45 -15.37 -10.59
N ASP A 144 6.18 -16.52 -11.21
CA ASP A 144 4.90 -16.72 -11.91
C ASP A 144 3.78 -16.72 -10.90
N ALA A 145 4.01 -17.35 -9.74
CA ALA A 145 2.96 -17.43 -8.73
C ALA A 145 2.63 -16.04 -8.18
N MET A 146 3.68 -15.24 -7.98
CA MET A 146 3.48 -13.90 -7.46
C MET A 146 2.64 -13.07 -8.40
N GLY A 147 2.79 -13.31 -9.72
CA GLY A 147 2.03 -12.56 -10.72
C GLY A 147 0.63 -13.12 -10.88
N ALA A 148 0.53 -14.46 -10.90
CA ALA A 148 -0.75 -15.07 -11.20
C ALA A 148 -1.75 -14.89 -10.08
N ASN A 149 -1.27 -14.93 -8.84
CA ASN A 149 -2.16 -14.85 -7.68
C ASN A 149 -1.32 -14.45 -6.49
N TYR A 150 -1.05 -13.14 -6.41
CA TYR A 150 -0.17 -12.64 -5.35
C TYR A 150 -0.69 -13.02 -3.97
N SER A 151 -2.00 -12.84 -3.74
CA SER A 151 -2.55 -13.17 -2.44
C SER A 151 -2.35 -14.63 -2.03
N ALA A 152 -2.52 -15.55 -2.98
CA ALA A 152 -2.33 -16.95 -2.66
C ALA A 152 -0.86 -17.21 -2.37
N TRP A 153 0.03 -16.58 -3.15
CA TRP A 153 1.45 -16.75 -2.91
C TRP A 153 1.82 -16.27 -1.50
N ALA A 154 1.31 -15.09 -1.14
CA ALA A 154 1.68 -14.48 0.15
C ALA A 154 1.14 -15.35 1.32
N THR A 155 -0.07 -15.85 1.15
CA THR A 155 -0.66 -16.70 2.16
C THR A 155 0.18 -17.94 2.41
N GLY A 156 0.72 -18.52 1.34
CA GLY A 156 1.58 -19.70 1.46
C GLY A 156 2.96 -19.36 2.02
N TYR A 157 3.47 -18.20 1.66
CA TYR A 157 4.85 -17.89 2.01
C TYR A 157 4.96 -17.54 3.49
N ALA A 158 3.99 -16.80 3.99
CA ALA A 158 4.14 -16.27 5.36
C ALA A 158 4.44 -17.34 6.41
N PRO A 159 3.70 -18.48 6.44
CA PRO A 159 4.01 -19.41 7.50
C PRO A 159 5.35 -20.08 7.30
N LEU A 160 5.78 -20.21 6.03
CA LEU A 160 7.07 -20.84 5.77
C LEU A 160 8.21 -19.94 6.23
N ALA A 161 8.07 -18.63 6.04
CA ALA A 161 9.11 -17.68 6.48
C ALA A 161 9.18 -17.67 8.01
N VAL A 162 8.03 -17.60 8.66
CA VAL A 162 8.05 -17.61 10.11
C VAL A 162 8.66 -18.92 10.62
N GLY A 163 8.31 -20.04 9.98
CA GLY A 163 8.97 -21.31 10.26
C GLY A 163 8.38 -22.05 11.45
N ALA A 164 8.57 -21.49 12.63
CA ALA A 164 7.94 -22.00 13.85
C ALA A 164 6.43 -21.80 13.78
N ASP A 165 5.69 -22.66 14.47
CA ASP A 165 4.24 -22.53 14.48
C ASP A 165 3.92 -21.43 15.51
N VAL A 166 3.98 -20.18 15.08
CA VAL A 166 3.70 -19.03 15.96
C VAL A 166 2.63 -18.20 15.26
N PRO A 167 1.34 -18.50 15.50
CA PRO A 167 0.29 -17.93 14.67
C PRO A 167 0.28 -16.39 14.65
N ALA A 168 0.59 -15.77 15.78
CA ALA A 168 0.58 -14.31 15.85
C ALA A 168 1.64 -13.69 14.95
N ALA A 169 2.82 -14.32 14.86
CA ALA A 169 3.85 -13.88 13.93
C ALA A 169 3.44 -14.08 12.46
N VAL A 170 2.78 -15.21 12.17
CA VAL A 170 2.29 -15.44 10.79
C VAL A 170 1.26 -14.34 10.42
N GLN A 171 0.37 -14.07 11.36
CA GLN A 171 -0.67 -13.04 11.13
C GLN A 171 -0.02 -11.66 10.87
N GLU A 172 0.96 -11.30 11.69
CA GLU A 172 1.67 -10.02 11.56
C GLU A 172 2.47 -9.92 10.27
N PHE A 173 3.20 -10.98 9.91
CA PHE A 173 3.99 -10.90 8.68
C PHE A 173 3.03 -10.86 7.51
N SER A 174 1.96 -11.65 7.56
CA SER A 174 0.98 -11.62 6.49
CA SER A 174 0.99 -11.62 6.48
C SER A 174 0.39 -10.22 6.32
N ARG A 175 0.14 -9.54 7.42
CA ARG A 175 -0.43 -8.18 7.39
C ARG A 175 0.42 -7.28 6.49
N THR A 176 1.72 -7.24 6.71
CA THR A 176 2.56 -6.35 5.92
C THR A 176 2.84 -6.90 4.52
N LEU A 177 2.89 -8.21 4.38
CA LEU A 177 3.16 -8.78 3.06
C LEU A 177 2.01 -8.43 2.12
N PHE A 178 0.79 -8.50 2.65
CA PHE A 178 -0.42 -8.26 1.84
C PHE A 178 -0.54 -6.80 1.50
N ASN A 179 0.19 -5.98 2.24
CA ASN A 179 0.17 -4.55 1.97
C ASN A 179 1.21 -4.10 0.93
N MET A 180 2.16 -4.96 0.57
CA MET A 180 3.13 -4.59 -0.48
C MET A 180 2.36 -4.58 -1.80
N ARG A 181 2.61 -3.59 -2.63
CA ARG A 181 1.97 -3.61 -3.95
C ARG A 181 2.59 -4.79 -4.75
N PRO A 182 1.75 -5.61 -5.39
CA PRO A 182 2.28 -6.87 -5.91
C PRO A 182 3.36 -6.70 -6.97
N ASP A 183 3.27 -5.66 -7.81
CA ASP A 183 4.31 -5.43 -8.81
C ASP A 183 5.63 -5.04 -8.19
N ILE A 184 5.56 -4.21 -7.15
CA ILE A 184 6.74 -3.88 -6.35
C ILE A 184 7.34 -5.10 -5.67
N SER A 185 6.48 -5.89 -5.02
N SER A 185 6.48 -5.90 -5.04
CA SER A 185 6.93 -7.13 -4.38
CA SER A 185 6.96 -7.08 -4.35
C SER A 185 7.73 -7.99 -5.36
C SER A 185 7.66 -8.07 -5.30
N LEU A 186 7.11 -8.27 -6.50
CA LEU A 186 7.77 -9.11 -7.50
C LEU A 186 9.12 -8.50 -7.88
N HIS A 187 9.13 -7.20 -8.16
CA HIS A 187 10.36 -6.53 -8.57
C HIS A 187 11.48 -6.63 -7.52
N VAL A 188 11.14 -6.43 -6.24
CA VAL A 188 12.13 -6.56 -5.18
C VAL A 188 12.64 -8.00 -5.08
N CYS A 189 11.70 -8.94 -5.21
N CYS A 189 11.74 -8.99 -5.18
CA CYS A 189 12.04 -10.35 -5.12
CA CYS A 189 12.21 -10.36 -5.11
C CYS A 189 13.04 -10.72 -6.21
C CYS A 189 13.19 -10.63 -6.22
N GLN A 190 12.81 -10.20 -7.43
CA GLN A 190 13.71 -10.38 -8.56
C GLN A 190 15.06 -9.70 -8.31
N THR A 191 15.03 -8.50 -7.72
CA THR A 191 16.28 -7.79 -7.45
C THR A 191 17.14 -8.55 -6.46
N VAL A 192 16.51 -9.05 -5.40
CA VAL A 192 17.27 -9.80 -4.41
C VAL A 192 17.89 -11.05 -5.00
N PHE A 193 17.11 -11.77 -5.80
CA PHE A 193 17.64 -12.98 -6.41
C PHE A 193 18.72 -12.75 -7.46
N LYS A 194 18.85 -11.54 -7.99
CA LYS A 194 19.95 -11.27 -8.89
C LYS A 194 21.17 -10.69 -8.20
N THR A 195 21.10 -10.52 -6.88
CA THR A 195 22.22 -9.91 -6.18
C THR A 195 23.25 -10.99 -5.74
N ASP A 196 24.54 -10.71 -5.94
CA ASP A 196 25.56 -11.67 -5.54
C ASP A 196 26.69 -10.87 -4.91
N LEU A 197 26.75 -10.90 -3.58
CA LEU A 197 27.74 -10.04 -2.87
C LEU A 197 28.99 -10.84 -2.51
N ARG A 198 29.11 -12.07 -2.99
CA ARG A 198 30.26 -12.88 -2.55
C ARG A 198 31.59 -12.19 -2.75
N GLY A 199 31.76 -11.54 -3.91
CA GLY A 199 33.06 -10.99 -4.25
C GLY A 199 33.42 -9.77 -3.40
N VAL A 200 32.43 -9.06 -2.85
CA VAL A 200 32.76 -7.85 -2.10
C VAL A 200 32.81 -8.07 -0.58
N LEU A 201 32.53 -9.28 -0.12
CA LEU A 201 32.51 -9.50 1.36
C LEU A 201 33.82 -9.10 2.03
N GLY A 202 34.95 -9.37 1.38
CA GLY A 202 36.25 -9.02 1.97
C GLY A 202 36.48 -7.52 2.08
N MET A 203 35.66 -6.70 1.41
CA MET A 203 35.83 -5.25 1.52
C MET A 203 35.16 -4.68 2.77
N VAL A 204 34.28 -5.45 3.40
CA VAL A 204 33.71 -4.97 4.68
C VAL A 204 34.83 -4.88 5.72
N ARG A 205 34.94 -3.74 6.39
CA ARG A 205 35.93 -3.55 7.43
C ARG A 205 35.33 -3.63 8.84
N ALA A 206 34.01 -3.42 8.93
CA ALA A 206 33.33 -3.40 10.21
C ALA A 206 33.26 -4.78 10.85
N PRO A 207 33.39 -4.84 12.18
CA PRO A 207 33.03 -6.08 12.83
C PRO A 207 31.58 -6.42 12.60
N CYS A 208 31.31 -7.73 12.57
CA CYS A 208 29.99 -8.22 12.16
CA CYS A 208 29.98 -8.19 12.22
C CYS A 208 29.54 -9.34 13.10
N VAL A 209 28.27 -9.28 13.48
CA VAL A 209 27.62 -10.40 14.13
C VAL A 209 26.61 -10.97 13.12
N VAL A 210 26.72 -12.24 12.80
CA VAL A 210 25.73 -12.95 11.96
C VAL A 210 24.82 -13.77 12.88
N VAL A 211 23.53 -13.49 12.85
CA VAL A 211 22.57 -14.24 13.68
C VAL A 211 22.06 -15.46 12.92
N GLN A 212 22.25 -16.64 13.50
CA GLN A 212 21.79 -17.86 12.84
C GLN A 212 20.67 -18.49 13.67
N THR A 213 19.54 -18.75 13.04
CA THR A 213 18.51 -19.54 13.72
C THR A 213 18.67 -21.02 13.32
N THR A 214 17.88 -21.89 13.91
CA THR A 214 18.11 -23.30 13.66
C THR A 214 17.53 -23.81 12.33
N ARG A 215 16.72 -23.01 11.65
CA ARG A 215 16.29 -23.31 10.29
C ARG A 215 15.71 -22.06 9.70
N ASP A 216 16.11 -21.77 8.46
CA ASP A 216 15.59 -20.61 7.76
C ASP A 216 15.31 -21.08 6.35
N VAL A 217 14.06 -20.99 5.92
CA VAL A 217 13.66 -21.49 4.62
C VAL A 217 14.47 -20.88 3.47
N SER A 218 15.04 -19.70 3.69
N SER A 218 15.04 -19.70 3.69
CA SER A 218 15.75 -19.01 2.63
CA SER A 218 15.76 -19.02 2.63
C SER A 218 17.25 -18.94 2.84
C SER A 218 17.25 -18.93 2.84
N VAL A 219 17.76 -19.46 3.96
CA VAL A 219 19.20 -19.36 4.25
C VAL A 219 19.67 -20.69 4.81
N PRO A 220 20.34 -21.50 3.97
CA PRO A 220 20.89 -22.75 4.48
C PRO A 220 21.85 -22.58 5.64
N ALA A 221 21.99 -23.66 6.41
CA ALA A 221 22.78 -23.64 7.63
C ALA A 221 24.23 -23.26 7.34
N SER A 222 24.71 -23.60 6.14
CA SER A 222 26.11 -23.35 5.81
C SER A 222 26.43 -21.89 5.48
N VAL A 223 25.39 -21.05 5.28
CA VAL A 223 25.63 -19.68 4.85
C VAL A 223 26.36 -18.89 5.93
N ALA A 224 25.98 -19.08 7.19
CA ALA A 224 26.62 -18.28 8.25
C ALA A 224 28.12 -18.50 8.32
N ALA A 225 28.58 -19.76 8.24
CA ALA A 225 30.03 -20.05 8.23
C ALA A 225 30.67 -19.42 7.00
N TYR A 226 29.96 -19.44 5.88
CA TYR A 226 30.47 -18.78 4.68
C TYR A 226 30.70 -17.29 4.95
N LEU A 227 29.70 -16.63 5.54
CA LEU A 227 29.84 -15.20 5.83
C LEU A 227 31.01 -14.97 6.79
N LYS A 228 31.11 -15.80 7.83
CA LYS A 228 32.17 -15.65 8.82
C LYS A 228 33.53 -15.83 8.14
N ALA A 229 33.59 -16.74 7.18
CA ALA A 229 34.87 -16.98 6.52
C ALA A 229 35.28 -15.86 5.55
N HIS A 230 34.33 -15.15 4.93
CA HIS A 230 34.65 -14.23 3.83
C HIS A 230 34.49 -12.74 4.17
N LEU A 231 33.65 -12.41 5.14
CA LEU A 231 33.50 -11.01 5.60
C LEU A 231 34.86 -10.48 6.07
N GLY A 232 35.18 -9.26 5.70
CA GLY A 232 36.54 -8.79 5.93
C GLY A 232 36.82 -8.24 7.32
N GLY A 233 35.77 -8.14 8.14
CA GLY A 233 35.94 -7.65 9.51
C GLY A 233 35.97 -8.80 10.50
N ARG A 234 36.05 -8.44 11.78
CA ARG A 234 36.01 -9.49 12.80
C ARG A 234 34.58 -9.96 12.93
N THR A 235 34.34 -11.22 12.60
CA THR A 235 32.97 -11.71 12.52
C THR A 235 32.73 -12.88 13.45
N THR A 236 31.58 -12.85 14.10
CA THR A 236 31.11 -13.99 14.91
C THR A 236 29.73 -14.40 14.45
N VAL A 237 29.38 -15.64 14.76
CA VAL A 237 28.05 -16.14 14.49
C VAL A 237 27.44 -16.36 15.86
N GLU A 238 26.24 -15.80 16.02
CA GLU A 238 25.50 -15.96 17.27
C GLU A 238 24.27 -16.79 16.99
N PHE A 239 24.00 -17.76 17.85
CA PHE A 239 22.97 -18.77 17.56
C PHE A 239 21.73 -18.54 18.41
N LEU A 240 20.55 -18.45 17.79
CA LEU A 240 19.30 -18.51 18.54
C LEU A 240 18.81 -19.94 18.59
N GLN A 241 18.17 -20.30 19.70
CA GLN A 241 17.75 -21.68 19.93
C GLN A 241 16.35 -21.96 19.40
N THR A 242 15.96 -21.21 18.38
N THR A 242 15.90 -21.17 18.43
CA THR A 242 14.70 -21.46 17.71
CA THR A 242 14.62 -21.39 17.76
C THR A 242 14.82 -21.16 16.23
C THR A 242 14.85 -21.30 16.26
N GLU A 243 13.78 -21.54 15.50
CA GLU A 243 13.84 -21.47 14.05
C GLU A 243 13.14 -20.26 13.47
N GLY A 244 13.41 -20.01 12.20
CA GLY A 244 12.67 -19.06 11.39
C GLY A 244 13.54 -18.03 10.71
N HIS A 245 12.95 -17.36 9.73
CA HIS A 245 13.62 -16.29 9.00
C HIS A 245 13.33 -14.95 9.67
N LEU A 246 12.33 -14.90 10.57
CA LEU A 246 11.87 -13.62 11.14
C LEU A 246 11.90 -13.62 12.67
N PRO A 247 13.08 -13.85 13.25
CA PRO A 247 13.12 -13.96 14.71
C PRO A 247 12.71 -12.70 15.45
N HIS A 248 12.81 -11.54 14.80
CA HIS A 248 12.31 -10.31 15.43
C HIS A 248 10.79 -10.31 15.61
N LEU A 249 10.08 -11.10 14.79
CA LEU A 249 8.65 -11.33 14.97
C LEU A 249 8.35 -12.58 15.81
N SER A 250 9.13 -13.66 15.64
CA SER A 250 8.74 -14.93 16.25
C SER A 250 9.39 -15.18 17.61
N ALA A 251 10.54 -14.56 17.86
CA ALA A 251 11.28 -14.80 19.09
C ALA A 251 11.98 -13.49 19.52
N PRO A 252 11.20 -12.41 19.64
CA PRO A 252 11.86 -11.12 19.85
C PRO A 252 12.63 -10.99 21.17
N SER A 253 12.12 -11.57 22.24
N SER A 253 12.14 -11.58 22.23
CA SER A 253 12.89 -11.54 23.50
CA SER A 253 12.91 -11.51 23.48
C SER A 253 14.28 -12.16 23.36
C SER A 253 14.28 -12.20 23.42
N LEU A 254 14.37 -13.32 22.70
CA LEU A 254 15.64 -14.00 22.51
C LEU A 254 16.54 -13.21 21.56
N LEU A 255 15.96 -12.70 20.47
CA LEU A 255 16.76 -11.86 19.58
C LEU A 255 17.30 -10.62 20.30
N ALA A 256 16.45 -10.00 21.13
CA ALA A 256 16.88 -8.80 21.87
C ALA A 256 18.10 -9.05 22.75
N GLN A 257 18.24 -10.26 23.30
CA GLN A 257 19.44 -10.60 24.09
C GLN A 257 20.69 -10.50 23.19
N VAL A 258 20.58 -11.04 21.98
CA VAL A 258 21.74 -11.02 21.08
C VAL A 258 22.02 -9.58 20.68
N LEU A 259 20.97 -8.79 20.43
CA LEU A 259 21.19 -7.40 20.04
C LEU A 259 21.82 -6.59 21.16
N ARG A 260 21.33 -6.73 22.40
CA ARG A 260 21.95 -5.99 23.52
C ARG A 260 23.44 -6.31 23.64
N ARG A 261 23.82 -7.59 23.51
CA ARG A 261 25.23 -7.93 23.64
C ARG A 261 26.03 -7.42 22.43
N ALA A 262 25.48 -7.54 21.23
CA ALA A 262 26.19 -7.15 20.03
C ALA A 262 26.41 -5.64 19.96
N LEU A 263 25.49 -4.89 20.58
CA LEU A 263 25.50 -3.42 20.49
C LEU A 263 26.14 -2.81 21.74
N ALA A 264 26.77 -3.62 22.58
CA ALA A 264 27.30 -3.08 23.82
C ALA A 264 28.49 -2.13 23.61
N ARG A 265 29.44 -2.55 22.78
CA ARG A 265 30.59 -1.70 22.48
C ARG A 265 30.89 -1.75 20.99
N TYR A 266 31.16 -0.59 20.40
CA TYR A 266 31.60 -0.58 19.01
C TYR A 266 32.25 0.75 18.63
N LYS B 3 -10.12 19.59 -24.02
CA LYS B 3 -9.33 18.34 -24.22
C LYS B 3 -9.34 17.53 -22.95
N LEU B 4 -10.49 16.89 -22.70
CA LEU B 4 -10.74 16.19 -21.45
C LEU B 4 -9.71 15.12 -21.23
N LEU B 5 -9.19 14.48 -22.30
CA LEU B 5 -8.22 13.41 -22.00
C LEU B 5 -6.99 13.91 -21.26
N GLN B 6 -6.60 15.15 -21.57
CA GLN B 6 -5.48 15.76 -20.87
C GLN B 6 -5.92 16.43 -19.56
N ILE B 7 -7.00 17.21 -19.61
CA ILE B 7 -7.43 17.97 -18.44
C ILE B 7 -7.71 17.06 -17.23
N LEU B 8 -8.31 15.90 -17.50
CA LEU B 8 -8.69 14.96 -16.46
C LEU B 8 -7.65 13.82 -16.31
N ASN B 9 -6.47 14.02 -16.87
CA ASN B 9 -5.34 13.12 -16.63
C ASN B 9 -5.66 11.67 -16.91
N VAL B 10 -6.26 11.43 -18.09
CA VAL B 10 -6.65 10.06 -18.42
C VAL B 10 -5.41 9.17 -18.61
N ARG B 11 -5.50 7.94 -18.11
CA ARG B 11 -4.42 6.96 -18.22
CA ARG B 11 -4.42 6.97 -18.25
C ARG B 11 -5.04 5.64 -18.64
N VAL B 12 -4.40 4.94 -19.58
CA VAL B 12 -4.90 3.62 -19.95
C VAL B 12 -3.71 2.66 -19.79
N VAL B 13 -3.91 1.62 -18.99
CA VAL B 13 -2.84 0.69 -18.65
C VAL B 13 -3.39 -0.72 -18.74
N GLY B 14 -2.52 -1.70 -18.91
CA GLY B 14 -3.00 -3.07 -18.83
C GLY B 14 -3.13 -3.63 -20.23
N SER B 15 -3.62 -4.85 -20.32
CA SER B 15 -3.93 -5.43 -21.63
C SER B 15 -5.19 -6.26 -21.61
N GLY B 16 -5.90 -6.27 -22.73
CA GLY B 16 -6.97 -7.25 -22.92
C GLY B 16 -8.10 -6.73 -23.78
N GLU B 17 -9.08 -7.57 -24.03
CA GLU B 17 -10.30 -7.13 -24.67
C GLU B 17 -11.17 -6.40 -23.64
N ARG B 18 -11.07 -6.85 -22.38
CA ARG B 18 -11.96 -6.42 -21.31
C ARG B 18 -11.50 -5.06 -20.75
N VAL B 19 -12.29 -4.02 -20.99
CA VAL B 19 -11.98 -2.68 -20.51
C VAL B 19 -12.68 -2.41 -19.19
N VAL B 20 -11.94 -1.95 -18.20
N VAL B 20 -11.93 -1.87 -18.24
CA VAL B 20 -12.58 -1.51 -16.97
CA VAL B 20 -12.43 -1.52 -16.91
C VAL B 20 -12.17 -0.07 -16.73
C VAL B 20 -12.10 -0.07 -16.58
N VAL B 21 -13.10 0.73 -16.23
CA VAL B 21 -12.87 2.11 -15.87
C VAL B 21 -12.88 2.19 -14.36
N LEU B 22 -11.86 2.86 -13.79
CA LEU B 22 -11.80 3.08 -12.34
C LEU B 22 -12.02 4.56 -12.12
N SER B 23 -13.05 4.90 -11.33
CA SER B 23 -13.50 6.29 -11.13
C SER B 23 -13.53 6.57 -9.62
N HIS B 24 -12.70 7.52 -9.17
CA HIS B 24 -12.48 7.75 -7.73
C HIS B 24 -13.56 8.61 -7.08
N GLY B 25 -13.51 8.66 -5.75
CA GLY B 25 -14.54 9.42 -5.02
C GLY B 25 -14.04 10.74 -4.46
N PHE B 26 -14.80 11.28 -3.52
CA PHE B 26 -14.48 12.57 -2.95
C PHE B 26 -13.21 12.58 -2.13
N GLY B 27 -12.35 13.56 -2.40
CA GLY B 27 -11.18 13.74 -1.56
C GLY B 27 -9.95 13.00 -2.06
N THR B 28 -10.11 12.19 -3.10
CA THR B 28 -8.97 11.46 -3.67
C THR B 28 -8.77 11.91 -5.12
N ASP B 29 -7.75 11.34 -5.77
CA ASP B 29 -7.61 11.36 -7.22
C ASP B 29 -7.37 9.93 -7.69
N GLN B 30 -7.01 9.77 -8.96
CA GLN B 30 -6.87 8.41 -9.46
C GLN B 30 -5.78 7.62 -8.75
N SER B 31 -4.86 8.31 -8.05
CA SER B 31 -3.80 7.58 -7.30
C SER B 31 -4.36 6.72 -6.21
N ALA B 32 -5.60 6.97 -5.79
CA ALA B 32 -6.21 6.10 -4.77
C ALA B 32 -6.35 4.67 -5.28
N TRP B 33 -6.36 4.50 -6.60
CA TRP B 33 -6.39 3.17 -7.18
C TRP B 33 -5.03 2.49 -7.30
N SER B 34 -3.96 3.16 -6.89
CA SER B 34 -2.62 2.64 -7.18
C SER B 34 -2.39 1.26 -6.59
N ARG B 35 -2.81 1.09 -5.35
CA ARG B 35 -2.55 -0.15 -4.64
C ARG B 35 -3.33 -1.35 -5.20
N VAL B 36 -4.55 -1.14 -5.69
CA VAL B 36 -5.31 -2.28 -6.26
C VAL B 36 -5.01 -2.49 -7.75
N LEU B 37 -4.50 -1.46 -8.42
CA LEU B 37 -4.34 -1.50 -9.88
C LEU B 37 -3.61 -2.74 -10.41
N PRO B 38 -2.48 -3.13 -9.82
CA PRO B 38 -1.77 -4.27 -10.42
C PRO B 38 -2.45 -5.60 -10.28
N TYR B 39 -3.50 -5.67 -9.45
CA TYR B 39 -4.32 -6.85 -9.40
C TYR B 39 -5.24 -7.01 -10.62
N LEU B 40 -5.35 -5.95 -11.43
CA LEU B 40 -6.25 -5.95 -12.59
C LEU B 40 -5.49 -5.91 -13.93
N THR B 41 -4.28 -5.37 -13.97
CA THR B 41 -3.70 -5.02 -15.26
C THR B 41 -3.12 -6.21 -16.05
N ARG B 42 -2.99 -7.39 -15.45
CA ARG B 42 -2.55 -8.55 -16.25
C ARG B 42 -3.61 -8.96 -17.26
N ASP B 43 -4.87 -8.78 -16.87
CA ASP B 43 -6.05 -9.38 -17.49
C ASP B 43 -7.04 -8.39 -18.07
N HIS B 44 -6.86 -7.12 -17.76
CA HIS B 44 -7.82 -6.09 -18.15
C HIS B 44 -7.09 -4.88 -18.68
N ARG B 45 -7.72 -4.18 -19.62
N ARG B 45 -7.82 -4.13 -19.50
CA ARG B 45 -7.29 -2.85 -20.03
CA ARG B 45 -7.37 -2.86 -20.03
C ARG B 45 -8.01 -1.97 -19.03
C ARG B 45 -8.04 -1.77 -19.21
N VAL B 46 -7.26 -1.10 -18.36
CA VAL B 46 -7.86 -0.26 -17.30
C VAL B 46 -7.72 1.21 -17.66
N VAL B 47 -8.86 1.92 -17.60
CA VAL B 47 -8.92 3.35 -17.84
C VAL B 47 -9.08 4.04 -16.52
N LEU B 48 -8.14 4.96 -16.23
CA LEU B 48 -8.24 5.78 -15.02
C LEU B 48 -8.35 7.25 -15.38
N TYR B 49 -9.01 8.04 -14.56
CA TYR B 49 -9.05 9.48 -14.82
C TYR B 49 -9.34 10.17 -13.47
N ASP B 50 -9.15 11.49 -13.47
CA ASP B 50 -9.50 12.31 -12.29
C ASP B 50 -10.82 13.01 -12.57
N LEU B 51 -11.68 13.00 -11.54
CA LEU B 51 -12.84 13.89 -11.59
C LEU B 51 -12.34 15.32 -11.63
N VAL B 52 -13.16 16.22 -12.19
CA VAL B 52 -12.72 17.60 -12.41
C VAL B 52 -12.39 18.28 -11.04
N CYS B 53 -12.98 17.77 -9.94
CA CYS B 53 -12.79 18.37 -8.63
C CYS B 53 -11.50 17.93 -7.95
N ALA B 54 -10.78 16.97 -8.52
CA ALA B 54 -9.54 16.52 -7.86
C ALA B 54 -8.49 17.63 -7.84
N GLY B 55 -7.67 17.67 -6.79
CA GLY B 55 -6.58 18.68 -6.68
C GLY B 55 -5.55 18.56 -7.80
N SER B 56 -5.49 17.37 -8.38
CA SER B 56 -4.60 17.11 -9.50
C SER B 56 -5.07 17.66 -10.86
N VAL B 57 -6.28 18.22 -10.87
CA VAL B 57 -6.81 18.86 -12.08
C VAL B 57 -6.69 20.36 -11.84
N ASN B 58 -6.34 21.09 -12.90
CA ASN B 58 -6.20 22.54 -12.77
C ASN B 58 -7.52 23.15 -12.30
N PRO B 59 -7.48 23.86 -11.16
CA PRO B 59 -8.72 24.35 -10.56
C PRO B 59 -9.39 25.38 -11.46
N ASP B 60 -8.65 25.93 -12.41
CA ASP B 60 -9.24 26.86 -13.36
C ASP B 60 -10.26 26.19 -14.26
N HIS B 61 -10.23 24.86 -14.38
CA HIS B 61 -11.24 24.17 -15.16
C HIS B 61 -12.55 23.95 -14.41
N PHE B 62 -12.58 24.21 -13.11
CA PHE B 62 -13.77 23.90 -12.33
C PHE B 62 -14.88 24.93 -12.55
N ASP B 63 -15.99 24.46 -13.10
CA ASP B 63 -17.07 25.34 -13.49
C ASP B 63 -18.15 25.17 -12.42
N PHE B 64 -18.30 26.19 -11.56
CA PHE B 64 -19.19 26.10 -10.42
C PHE B 64 -20.65 26.04 -10.81
N ARG B 65 -20.97 26.46 -12.02
CA ARG B 65 -22.34 26.31 -12.48
C ARG B 65 -22.58 24.89 -12.96
N ARG B 66 -21.88 24.43 -13.99
CA ARG B 66 -22.32 23.16 -14.54
CA ARG B 66 -22.30 23.14 -14.55
C ARG B 66 -22.08 21.99 -13.59
N TYR B 67 -21.02 22.03 -12.79
CA TYR B 67 -20.78 20.92 -11.86
C TYR B 67 -21.59 20.90 -10.55
N ASP B 68 -22.64 21.71 -10.48
CA ASP B 68 -23.52 21.61 -9.33
C ASP B 68 -24.59 20.54 -9.52
N ASN B 69 -24.41 19.70 -10.54
CA ASN B 69 -25.30 18.56 -10.79
C ASN B 69 -24.37 17.42 -11.23
N LEU B 70 -24.61 16.21 -10.74
CA LEU B 70 -23.80 15.09 -11.17
C LEU B 70 -23.85 14.81 -12.68
N ASP B 71 -24.92 15.24 -13.35
CA ASP B 71 -25.00 15.03 -14.79
C ASP B 71 -23.75 15.56 -15.51
N ALA B 72 -23.18 16.65 -15.03
CA ALA B 72 -21.99 17.21 -15.66
C ALA B 72 -20.77 16.32 -15.54
N TYR B 73 -20.67 15.63 -14.40
CA TYR B 73 -19.58 14.67 -14.21
C TYR B 73 -19.80 13.47 -15.13
N VAL B 74 -21.05 13.05 -15.31
CA VAL B 74 -21.35 12.01 -16.29
C VAL B 74 -20.90 12.42 -17.70
N ASP B 75 -21.19 13.67 -18.07
CA ASP B 75 -20.83 14.10 -19.43
C ASP B 75 -19.34 13.91 -19.66
N ASP B 76 -18.52 14.21 -18.64
CA ASP B 76 -17.07 14.11 -18.78
C ASP B 76 -16.67 12.64 -18.96
N LEU B 77 -17.23 11.75 -18.14
CA LEU B 77 -16.95 10.32 -18.27
C LEU B 77 -17.28 9.85 -19.68
N LEU B 78 -18.49 10.18 -20.15
CA LEU B 78 -18.90 9.71 -21.47
C LEU B 78 -18.01 10.28 -22.58
N ALA B 79 -17.61 11.55 -22.43
CA ALA B 79 -16.75 12.18 -23.45
C ALA B 79 -15.37 11.53 -23.47
N ILE B 80 -14.88 11.07 -22.31
CA ILE B 80 -13.61 10.33 -22.28
C ILE B 80 -13.72 8.99 -23.03
N LEU B 81 -14.78 8.25 -22.74
CA LEU B 81 -14.92 6.92 -23.33
C LEU B 81 -15.18 7.03 -24.82
N ASP B 82 -15.95 8.05 -25.23
CA ASP B 82 -16.20 8.23 -26.65
C ASP B 82 -14.91 8.66 -27.38
N ALA B 83 -14.12 9.53 -26.74
CA ALA B 83 -12.84 9.95 -27.37
C ALA B 83 -11.91 8.77 -27.57
N LEU B 84 -11.88 7.90 -26.57
CA LEU B 84 -11.04 6.69 -26.62
C LEU B 84 -11.61 5.59 -27.52
N ARG B 85 -12.81 5.82 -28.06
CA ARG B 85 -13.42 4.87 -28.99
C ARG B 85 -13.66 3.54 -28.29
N ILE B 86 -14.09 3.63 -27.03
CA ILE B 86 -14.44 2.44 -26.27
C ILE B 86 -15.97 2.27 -26.26
N PRO B 87 -16.48 1.20 -26.87
CA PRO B 87 -17.93 1.03 -27.01
C PRO B 87 -18.56 0.23 -25.87
N ARG B 88 -17.72 -0.43 -25.05
CA ARG B 88 -18.25 -1.26 -23.98
C ARG B 88 -17.19 -1.40 -22.88
N CYS B 89 -17.62 -1.27 -21.63
CA CYS B 89 -16.72 -1.40 -20.51
C CYS B 89 -17.44 -1.91 -19.26
N ALA B 90 -16.66 -2.34 -18.28
CA ALA B 90 -17.16 -2.38 -16.92
C ALA B 90 -16.71 -1.11 -16.23
N PHE B 91 -17.44 -0.69 -15.21
CA PHE B 91 -17.14 0.56 -14.54
C PHE B 91 -17.14 0.30 -13.06
N VAL B 92 -16.07 0.74 -12.39
CA VAL B 92 -15.94 0.66 -10.94
C VAL B 92 -15.89 2.09 -10.39
N GLY B 93 -16.88 2.43 -9.57
CA GLY B 93 -16.98 3.80 -9.06
C GLY B 93 -17.02 3.81 -7.55
N HIS B 94 -16.19 4.67 -6.94
CA HIS B 94 -16.20 4.88 -5.51
C HIS B 94 -17.00 6.14 -5.15
N SER B 95 -17.93 5.98 -4.22
CA SER B 95 -18.73 7.07 -3.65
C SER B 95 -19.41 7.92 -4.75
N VAL B 96 -19.11 9.21 -4.85
CA VAL B 96 -19.71 10.01 -5.90
C VAL B 96 -19.59 9.37 -7.28
N SER B 97 -18.49 8.65 -7.52
CA SER B 97 -18.36 8.00 -8.82
C SER B 97 -19.30 6.81 -8.98
N ALA B 98 -19.70 6.19 -7.87
CA ALA B 98 -20.75 5.17 -7.99
C ALA B 98 -22.05 5.80 -8.52
N MET B 99 -22.36 6.98 -7.99
CA MET B 99 -23.54 7.75 -8.43
CA MET B 99 -23.54 7.75 -8.42
C MET B 99 -23.39 8.13 -9.90
N ILE B 100 -22.20 8.61 -10.27
CA ILE B 100 -21.89 8.93 -11.66
C ILE B 100 -22.10 7.71 -12.56
N GLY B 101 -21.63 6.55 -12.12
CA GLY B 101 -21.79 5.34 -12.94
C GLY B 101 -23.24 4.90 -13.12
N ILE B 102 -24.02 4.96 -12.06
CA ILE B 102 -25.46 4.71 -12.15
C ILE B 102 -26.08 5.64 -13.24
N LEU B 103 -25.80 6.94 -13.14
CA LEU B 103 -26.35 7.86 -14.12
C LEU B 103 -25.84 7.62 -15.54
N ALA B 104 -24.54 7.30 -15.66
CA ALA B 104 -23.95 7.09 -16.98
C ALA B 104 -24.59 5.86 -17.63
N SER B 105 -24.90 4.84 -16.81
CA SER B 105 -25.45 3.59 -17.35
C SER B 105 -26.88 3.77 -17.86
N ILE B 106 -27.55 4.77 -17.31
CA ILE B 106 -28.87 5.13 -17.83
C ILE B 106 -28.76 5.98 -19.09
N ARG B 107 -27.77 6.88 -19.12
CA ARG B 107 -27.55 7.71 -20.29
C ARG B 107 -27.15 6.90 -21.52
N ARG B 108 -26.32 5.88 -21.28
CA ARG B 108 -25.70 5.10 -22.37
C ARG B 108 -25.72 3.62 -21.99
N PRO B 109 -26.90 2.99 -22.08
CA PRO B 109 -27.05 1.61 -21.56
C PRO B 109 -26.17 0.59 -22.28
N ASP B 110 -25.87 0.81 -23.55
CA ASP B 110 -25.07 -0.15 -24.30
C ASP B 110 -23.59 -0.08 -23.93
N LEU B 111 -23.20 1.03 -23.32
CA LEU B 111 -21.78 1.26 -23.02
C LEU B 111 -21.30 0.59 -21.73
N PHE B 112 -22.18 0.33 -20.78
CA PHE B 112 -21.77 -0.19 -19.48
C PHE B 112 -22.26 -1.62 -19.29
N ALA B 113 -21.32 -2.56 -19.36
CA ALA B 113 -21.63 -3.98 -19.26
C ALA B 113 -21.88 -4.41 -17.83
N LYS B 114 -21.27 -3.71 -16.88
CA LYS B 114 -21.35 -4.07 -15.47
C LYS B 114 -20.90 -2.88 -14.63
N LEU B 115 -21.54 -2.66 -13.50
CA LEU B 115 -21.12 -1.66 -12.53
C LEU B 115 -20.66 -2.32 -11.22
N VAL B 116 -19.55 -1.81 -10.68
CA VAL B 116 -19.13 -2.15 -9.32
C VAL B 116 -19.16 -0.85 -8.53
N LEU B 117 -19.95 -0.85 -7.45
CA LEU B 117 -20.20 0.36 -6.67
C LEU B 117 -19.60 0.19 -5.32
N ILE B 118 -18.70 1.09 -4.95
CA ILE B 118 -17.97 0.95 -3.69
C ILE B 118 -18.24 2.23 -2.88
N GLY B 119 -18.42 2.10 -1.56
CA GLY B 119 -18.74 3.27 -0.75
C GLY B 119 -19.95 4.04 -1.26
N ALA B 120 -21.01 3.31 -1.63
CA ALA B 120 -22.05 3.86 -2.48
C ALA B 120 -23.38 4.09 -1.77
N SER B 121 -24.01 5.22 -2.07
CA SER B 121 -25.34 5.51 -1.56
C SER B 121 -26.10 6.32 -2.57
N PRO B 122 -27.42 6.08 -2.72
CA PRO B 122 -28.22 6.87 -3.66
C PRO B 122 -28.74 8.17 -3.02
N ARG B 123 -28.59 8.30 -1.70
CA ARG B 123 -29.12 9.45 -0.99
C ARG B 123 -28.61 9.45 0.46
N PHE B 124 -28.03 10.57 0.87
CA PHE B 124 -27.51 10.67 2.25
C PHE B 124 -28.53 11.16 3.27
N LEU B 125 -29.44 12.02 2.84
CA LEU B 125 -30.46 12.61 3.70
CA LEU B 125 -30.44 12.60 3.72
C LEU B 125 -31.49 11.57 4.09
N ASN B 126 -31.86 11.50 5.37
CA ASN B 126 -32.92 10.60 5.78
C ASN B 126 -34.29 10.97 5.21
N ASP B 127 -35.21 10.00 5.11
CA ASP B 127 -36.53 10.25 4.52
C ASP B 127 -37.56 9.20 4.96
N SER B 128 -38.30 9.47 6.02
CA SER B 128 -39.19 8.44 6.53
C SER B 128 -38.39 7.14 6.72
N ASP B 129 -38.90 6.04 6.18
CA ASP B 129 -38.26 4.74 6.32
C ASP B 129 -36.84 4.68 5.75
N TYR B 130 -36.43 5.72 5.03
CA TYR B 130 -35.12 5.69 4.36
C TYR B 130 -34.01 6.25 5.26
N HIS B 131 -33.05 5.44 5.67
CA HIS B 131 -31.95 5.88 6.55
C HIS B 131 -30.69 6.10 5.71
N GLY B 132 -30.52 7.33 5.26
CA GLY B 132 -29.31 7.69 4.49
C GLY B 132 -28.12 8.01 5.39
N GLY B 133 -28.39 8.31 6.65
CA GLY B 133 -27.32 8.54 7.62
C GLY B 133 -27.19 9.96 8.11
N PHE B 134 -27.96 10.88 7.52
CA PHE B 134 -27.78 12.29 7.80
C PHE B 134 -29.12 12.99 7.86
N GLU B 135 -29.26 13.84 8.87
CA GLU B 135 -30.34 14.83 8.89
C GLU B 135 -29.84 16.11 8.21
N LEU B 136 -30.78 16.96 7.81
CA LEU B 136 -30.41 18.20 7.10
C LEU B 136 -29.42 19.04 7.94
N GLU B 137 -29.68 19.14 9.23
CA GLU B 137 -28.83 19.87 10.15
CA GLU B 137 -28.79 19.90 10.09
C GLU B 137 -27.42 19.27 10.22
N GLU B 138 -27.31 17.95 10.05
CA GLU B 138 -25.99 17.35 10.12
C GLU B 138 -25.21 17.69 8.85
N ILE B 139 -25.91 17.71 7.73
CA ILE B 139 -25.25 18.05 6.48
C ILE B 139 -24.81 19.50 6.53
N GLN B 140 -25.65 20.38 7.07
CA GLN B 140 -25.31 21.81 7.17
C GLN B 140 -24.07 22.03 8.04
N GLN B 141 -23.96 21.23 9.10
CA GLN B 141 -22.80 21.32 9.98
C GLN B 141 -21.50 20.90 9.31
N VAL B 142 -21.54 19.95 8.37
CA VAL B 142 -20.34 19.64 7.60
C VAL B 142 -19.90 20.88 6.78
N PHE B 143 -20.87 21.53 6.14
CA PHE B 143 -20.53 22.67 5.28
C PHE B 143 -19.94 23.78 6.15
N ASP B 144 -20.50 23.94 7.34
CA ASP B 144 -20.04 25.01 8.22
C ASP B 144 -18.59 24.77 8.63
N ALA B 145 -18.29 23.51 8.96
CA ALA B 145 -16.93 23.14 9.37
C ALA B 145 -15.93 23.34 8.23
N MET B 146 -16.28 22.87 7.03
CA MET B 146 -15.38 23.00 5.89
C MET B 146 -15.05 24.46 5.57
N GLY B 147 -16.04 25.33 5.74
CA GLY B 147 -15.89 26.74 5.37
C GLY B 147 -15.19 27.48 6.49
N ALA B 148 -15.39 27.05 7.73
CA ALA B 148 -14.80 27.71 8.89
C ALA B 148 -13.32 27.34 9.08
N ASN B 149 -12.97 26.07 8.89
CA ASN B 149 -11.58 25.62 9.05
C ASN B 149 -11.29 24.39 8.21
N TYR B 150 -10.97 24.59 6.93
CA TYR B 150 -10.81 23.45 6.01
C TYR B 150 -9.75 22.48 6.52
N SER B 151 -8.62 23.01 6.98
CA SER B 151 -7.57 22.15 7.52
C SER B 151 -7.99 21.31 8.71
N ALA B 152 -8.65 21.89 9.70
CA ALA B 152 -9.11 21.13 10.87
C ALA B 152 -10.18 20.11 10.48
N TRP B 153 -11.10 20.55 9.61
CA TRP B 153 -12.12 19.65 9.09
C TRP B 153 -11.48 18.45 8.39
N ALA B 154 -10.51 18.73 7.50
CA ALA B 154 -9.87 17.65 6.73
C ALA B 154 -9.05 16.77 7.66
N THR B 155 -8.33 17.37 8.60
CA THR B 155 -7.53 16.62 9.57
C THR B 155 -8.43 15.63 10.31
N GLY B 156 -9.65 16.06 10.66
CA GLY B 156 -10.59 15.16 11.37
C GLY B 156 -11.24 14.11 10.48
N TYR B 157 -11.52 14.49 9.25
CA TYR B 157 -12.30 13.62 8.38
C TYR B 157 -11.45 12.45 7.88
N ALA B 158 -10.18 12.70 7.61
CA ALA B 158 -9.34 11.67 7.00
C ALA B 158 -9.32 10.34 7.78
N PRO B 159 -9.06 10.38 9.10
CA PRO B 159 -9.07 9.11 9.80
C PRO B 159 -10.48 8.54 9.97
N LEU B 160 -11.52 9.39 10.05
CA LEU B 160 -12.87 8.85 10.06
C LEU B 160 -13.24 8.15 8.76
N ALA B 161 -12.86 8.73 7.62
CA ALA B 161 -13.16 8.12 6.34
C ALA B 161 -12.41 6.79 6.18
N VAL B 162 -11.12 6.78 6.48
CA VAL B 162 -10.35 5.53 6.41
C VAL B 162 -10.90 4.49 7.39
N GLY B 163 -11.24 4.91 8.59
CA GLY B 163 -11.92 4.04 9.54
C GLY B 163 -10.97 3.11 10.27
N ALA B 164 -10.41 2.15 9.54
CA ALA B 164 -9.41 1.25 10.07
C ALA B 164 -8.13 1.96 10.47
N ASP B 165 -7.37 1.34 11.36
CA ASP B 165 -6.04 1.86 11.75
C ASP B 165 -5.01 1.43 10.72
N VAL B 166 -4.91 2.19 9.63
CA VAL B 166 -3.96 1.93 8.54
C VAL B 166 -3.32 3.27 8.23
N PRO B 167 -2.18 3.57 8.88
CA PRO B 167 -1.59 4.89 8.78
C PRO B 167 -1.27 5.36 7.35
N ALA B 168 -0.75 4.49 6.49
CA ALA B 168 -0.50 4.93 5.11
C ALA B 168 -1.79 5.37 4.41
N ALA B 169 -2.92 4.76 4.74
CA ALA B 169 -4.15 5.14 4.06
C ALA B 169 -4.62 6.51 4.56
N VAL B 170 -4.53 6.73 5.87
CA VAL B 170 -4.82 8.06 6.39
C VAL B 170 -3.91 9.12 5.75
N GLN B 171 -2.60 8.84 5.68
CA GLN B 171 -1.64 9.76 5.03
C GLN B 171 -2.03 10.02 3.59
N GLU B 172 -2.31 8.94 2.86
CA GLU B 172 -2.57 9.06 1.43
C GLU B 172 -3.85 9.80 1.14
N PHE B 173 -4.89 9.50 1.90
CA PHE B 173 -6.17 10.22 1.72
C PHE B 173 -6.01 11.68 2.17
N SER B 174 -5.36 11.90 3.30
CA SER B 174 -5.10 13.27 3.75
CA SER B 174 -5.17 13.27 3.73
C SER B 174 -4.43 14.07 2.64
N ARG B 175 -3.41 13.48 2.01
CA ARG B 175 -2.61 14.22 1.01
C ARG B 175 -3.53 14.72 -0.11
N THR B 176 -4.36 13.82 -0.64
CA THR B 176 -5.24 14.24 -1.73
C THR B 176 -6.36 15.15 -1.27
N LEU B 177 -6.85 14.97 -0.05
CA LEU B 177 -7.89 15.86 0.50
C LEU B 177 -7.35 17.28 0.62
N PHE B 178 -6.12 17.39 1.15
CA PHE B 178 -5.50 18.70 1.30
C PHE B 178 -5.10 19.29 -0.03
N ASN B 179 -4.96 18.45 -1.07
CA ASN B 179 -4.61 18.94 -2.39
CA ASN B 179 -4.62 18.92 -2.42
C ASN B 179 -5.81 19.60 -3.11
N MET B 180 -7.02 19.29 -2.66
CA MET B 180 -8.23 19.90 -3.23
C MET B 180 -8.27 21.36 -2.82
N ARG B 181 -8.76 22.22 -3.71
CA ARG B 181 -8.92 23.61 -3.30
C ARG B 181 -10.13 23.66 -2.36
N PRO B 182 -10.04 24.35 -1.22
CA PRO B 182 -11.11 24.23 -0.22
C PRO B 182 -12.49 24.61 -0.75
N ASP B 183 -12.60 25.61 -1.63
CA ASP B 183 -13.91 26.03 -2.11
C ASP B 183 -14.49 24.97 -3.05
N ILE B 184 -13.63 24.33 -3.83
CA ILE B 184 -14.09 23.28 -4.75
C ILE B 184 -14.54 22.08 -3.92
N SER B 185 -13.74 21.75 -2.90
CA SER B 185 -14.09 20.65 -2.03
C SER B 185 -15.47 20.86 -1.38
N LEU B 186 -15.70 22.07 -0.86
CA LEU B 186 -17.02 22.37 -0.28
C LEU B 186 -18.14 22.26 -1.32
N HIS B 187 -17.89 22.74 -2.54
CA HIS B 187 -18.92 22.70 -3.57
C HIS B 187 -19.29 21.26 -3.94
N VAL B 188 -18.29 20.41 -4.08
CA VAL B 188 -18.57 19.01 -4.41
CA VAL B 188 -18.65 19.04 -4.45
C VAL B 188 -19.32 18.33 -3.27
N CYS B 189 -18.92 18.66 -2.05
CA CYS B 189 -19.56 18.08 -0.89
CA CYS B 189 -19.57 18.11 -0.88
C CYS B 189 -21.03 18.48 -0.87
N GLN B 190 -21.32 19.76 -1.15
CA GLN B 190 -22.67 20.22 -1.27
C GLN B 190 -23.43 19.48 -2.36
N THR B 191 -22.81 19.32 -3.52
CA THR B 191 -23.47 18.66 -4.62
C THR B 191 -23.81 17.20 -4.29
N VAL B 192 -22.87 16.50 -3.68
CA VAL B 192 -23.10 15.10 -3.34
C VAL B 192 -24.21 14.99 -2.29
N PHE B 193 -24.17 15.85 -1.28
CA PHE B 193 -25.16 15.75 -0.18
C PHE B 193 -26.57 16.05 -0.63
N LYS B 194 -26.73 16.78 -1.71
CA LYS B 194 -28.06 17.13 -2.23
CA LYS B 194 -28.06 17.13 -2.23
C LYS B 194 -28.61 16.11 -3.23
N THR B 195 -27.82 15.09 -3.57
CA THR B 195 -28.23 14.21 -4.65
CA THR B 195 -28.23 14.18 -4.63
C THR B 195 -29.22 13.14 -4.11
N ASP B 196 -30.19 12.76 -4.92
CA ASP B 196 -31.16 11.71 -4.59
C ASP B 196 -31.44 10.93 -5.86
N LEU B 197 -30.78 9.76 -5.97
CA LEU B 197 -30.89 8.90 -7.14
C LEU B 197 -31.92 7.79 -6.96
N ARG B 198 -32.64 7.81 -5.85
CA ARG B 198 -33.53 6.66 -5.58
C ARG B 198 -34.54 6.44 -6.70
N GLY B 199 -35.03 7.54 -7.26
CA GLY B 199 -36.02 7.48 -8.32
C GLY B 199 -35.56 6.88 -9.64
N VAL B 200 -34.24 6.81 -9.86
CA VAL B 200 -33.76 6.28 -11.14
C VAL B 200 -33.02 4.95 -11.02
N LEU B 201 -32.90 4.41 -9.82
CA LEU B 201 -32.18 3.15 -9.66
C LEU B 201 -32.80 2.06 -10.54
N GLY B 202 -34.12 2.09 -10.64
CA GLY B 202 -34.84 1.06 -11.41
C GLY B 202 -34.53 1.14 -12.89
N MET B 203 -33.92 2.24 -13.32
CA MET B 203 -33.62 2.44 -14.74
C MET B 203 -32.27 1.84 -15.13
N VAL B 204 -31.46 1.48 -14.14
CA VAL B 204 -30.17 0.82 -14.42
C VAL B 204 -30.44 -0.58 -14.92
N ARG B 205 -29.91 -0.91 -16.09
CA ARG B 205 -30.15 -2.21 -16.72
C ARG B 205 -28.97 -3.15 -16.47
N ALA B 206 -27.78 -2.58 -16.29
CA ALA B 206 -26.55 -3.38 -16.16
C ALA B 206 -26.53 -4.20 -14.87
N PRO B 207 -25.87 -5.36 -14.90
CA PRO B 207 -25.65 -6.10 -13.66
C PRO B 207 -24.72 -5.29 -12.78
N CYS B 208 -24.92 -5.36 -11.47
N CYS B 208 -24.85 -5.44 -11.47
CA CYS B 208 -24.19 -4.53 -10.51
CA CYS B 208 -24.15 -4.59 -10.54
C CYS B 208 -23.60 -5.38 -9.38
C CYS B 208 -23.64 -5.33 -9.32
N VAL B 209 -22.45 -4.98 -8.87
CA VAL B 209 -21.94 -5.50 -7.61
C VAL B 209 -21.80 -4.34 -6.62
N VAL B 210 -22.43 -4.44 -5.47
CA VAL B 210 -22.32 -3.41 -4.44
C VAL B 210 -21.33 -3.90 -3.38
N VAL B 211 -20.27 -3.14 -3.11
CA VAL B 211 -19.26 -3.57 -2.17
C VAL B 211 -19.54 -2.94 -0.81
N GLN B 212 -19.72 -3.79 0.19
CA GLN B 212 -20.04 -3.35 1.55
C GLN B 212 -18.90 -3.66 2.51
N THR B 213 -18.49 -2.67 3.30
CA THR B 213 -17.50 -2.91 4.35
C THR B 213 -18.26 -3.05 5.66
N THR B 214 -17.54 -3.19 6.77
CA THR B 214 -18.24 -3.44 8.04
C THR B 214 -18.85 -2.17 8.61
N ARG B 215 -18.27 -1.03 8.27
CA ARG B 215 -18.67 0.27 8.79
C ARG B 215 -18.20 1.35 7.81
N ASP B 216 -19.08 2.27 7.44
CA ASP B 216 -18.69 3.36 6.54
C ASP B 216 -19.35 4.63 7.07
N VAL B 217 -18.54 5.65 7.38
CA VAL B 217 -19.08 6.85 7.99
C VAL B 217 -20.13 7.61 7.18
N SER B 218 -20.19 7.44 5.87
CA SER B 218 -21.20 8.12 5.07
C SER B 218 -22.27 7.16 4.52
N VAL B 219 -22.16 5.87 4.82
CA VAL B 219 -23.03 4.84 4.24
C VAL B 219 -23.47 3.85 5.31
N PRO B 220 -24.70 4.00 5.82
CA PRO B 220 -25.21 3.04 6.81
C PRO B 220 -25.22 1.60 6.27
N ALA B 221 -25.20 0.64 7.18
CA ALA B 221 -25.12 -0.76 6.78
C ALA B 221 -26.33 -1.18 5.95
N SER B 222 -27.46 -0.52 6.14
CA SER B 222 -28.68 -0.83 5.40
C SER B 222 -28.76 -0.34 3.94
N VAL B 223 -27.87 0.57 3.53
CA VAL B 223 -27.91 1.07 2.15
C VAL B 223 -27.67 -0.01 1.10
N ALA B 224 -26.74 -0.93 1.36
CA ALA B 224 -26.42 -1.92 0.33
C ALA B 224 -27.65 -2.77 -0.03
N ALA B 225 -28.37 -3.25 0.99
CA ALA B 225 -29.64 -3.99 0.78
C ALA B 225 -30.68 -3.14 0.01
N TYR B 226 -30.75 -1.85 0.33
CA TYR B 226 -31.59 -0.93 -0.45
C TYR B 226 -31.21 -0.86 -1.93
N LEU B 227 -29.91 -0.70 -2.23
CA LEU B 227 -29.46 -0.69 -3.61
C LEU B 227 -29.85 -1.99 -4.29
N LYS B 228 -29.61 -3.12 -3.63
CA LYS B 228 -29.90 -4.42 -4.20
C LYS B 228 -31.38 -4.53 -4.47
N ALA B 229 -32.19 -4.02 -3.56
CA ALA B 229 -33.64 -4.06 -3.74
C ALA B 229 -34.14 -3.21 -4.92
N HIS B 230 -33.44 -2.14 -5.27
CA HIS B 230 -34.02 -1.17 -6.19
C HIS B 230 -33.33 -0.98 -7.56
N LEU B 231 -32.09 -1.43 -7.67
CA LEU B 231 -31.37 -1.33 -8.95
C LEU B 231 -32.08 -2.28 -9.92
N GLY B 232 -32.17 -1.84 -11.18
CA GLY B 232 -33.00 -2.53 -12.18
C GLY B 232 -32.37 -3.76 -12.79
N GLY B 233 -31.07 -3.94 -12.58
CA GLY B 233 -30.37 -5.11 -13.08
C GLY B 233 -30.13 -6.17 -12.03
N ARG B 234 -29.46 -7.25 -12.39
CA ARG B 234 -29.07 -8.25 -11.40
C ARG B 234 -27.99 -7.69 -10.47
N THR B 235 -28.23 -7.69 -9.16
CA THR B 235 -27.31 -7.10 -8.19
C THR B 235 -26.88 -8.09 -7.11
N THR B 236 -25.57 -8.15 -6.86
CA THR B 236 -25.04 -8.89 -5.72
C THR B 236 -24.29 -7.97 -4.76
N VAL B 237 -24.49 -8.16 -3.46
CA VAL B 237 -23.68 -7.47 -2.46
C VAL B 237 -22.48 -8.34 -2.10
N GLU B 238 -21.30 -7.73 -2.17
CA GLU B 238 -20.04 -8.35 -1.77
C GLU B 238 -19.56 -7.72 -0.47
N PHE B 239 -19.16 -8.55 0.51
CA PHE B 239 -18.80 -8.07 1.84
C PHE B 239 -17.31 -8.19 2.10
N LEU B 240 -16.72 -7.06 2.44
CA LEU B 240 -15.33 -7.05 2.84
C LEU B 240 -15.25 -6.98 4.36
N GLN B 241 -14.50 -7.91 4.92
CA GLN B 241 -14.22 -7.96 6.34
C GLN B 241 -13.14 -6.95 6.71
N THR B 242 -13.52 -5.68 6.55
CA THR B 242 -12.61 -4.59 6.86
C THR B 242 -13.47 -3.36 7.16
N GLU B 243 -12.94 -2.42 7.94
CA GLU B 243 -13.67 -1.21 8.30
C GLU B 243 -13.26 -0.03 7.40
N GLY B 244 -14.23 0.80 7.01
CA GLY B 244 -13.91 2.07 6.35
C GLY B 244 -14.61 2.33 5.03
N HIS B 245 -14.52 3.59 4.62
CA HIS B 245 -15.13 4.07 3.38
C HIS B 245 -14.21 3.90 2.17
N LEU B 246 -12.92 3.65 2.41
CA LEU B 246 -11.89 3.69 1.35
C LEU B 246 -11.13 2.36 1.25
N PRO B 247 -11.84 1.24 0.99
CA PRO B 247 -11.13 -0.03 1.06
C PRO B 247 -10.05 -0.18 -0.01
N HIS B 248 -10.18 0.60 -1.08
CA HIS B 248 -9.10 0.57 -2.07
C HIS B 248 -7.77 1.14 -1.56
N LEU B 249 -7.84 2.04 -0.59
CA LEU B 249 -6.65 2.55 0.10
C LEU B 249 -6.24 1.67 1.26
N SER B 250 -7.22 1.20 2.05
CA SER B 250 -6.89 0.61 3.34
C SER B 250 -6.87 -0.93 3.30
N ALA B 251 -7.54 -1.51 2.32
CA ALA B 251 -7.58 -2.97 2.20
C ALA B 251 -7.55 -3.43 0.74
N PRO B 252 -6.52 -3.00 0.00
CA PRO B 252 -6.54 -3.30 -1.46
C PRO B 252 -6.50 -4.78 -1.81
N SER B 253 -5.77 -5.55 -1.00
CA SER B 253 -5.71 -6.99 -1.23
C SER B 253 -7.12 -7.61 -1.15
N LEU B 254 -7.88 -7.23 -0.11
CA LEU B 254 -9.25 -7.74 0.03
C LEU B 254 -10.15 -7.23 -1.10
N LEU B 255 -10.04 -5.94 -1.40
CA LEU B 255 -10.88 -5.39 -2.46
C LEU B 255 -10.56 -6.09 -3.79
N ALA B 256 -9.27 -6.35 -4.05
CA ALA B 256 -8.88 -6.96 -5.33
C ALA B 256 -9.57 -8.30 -5.60
N GLN B 257 -9.75 -9.10 -4.55
CA GLN B 257 -10.43 -10.38 -4.68
C GLN B 257 -11.83 -10.20 -5.24
N VAL B 258 -12.55 -9.27 -4.63
CA VAL B 258 -13.90 -8.96 -5.06
C VAL B 258 -13.88 -8.42 -6.50
N LEU B 259 -12.95 -7.52 -6.79
CA LEU B 259 -12.90 -6.96 -8.15
C LEU B 259 -12.66 -8.03 -9.19
N ARG B 260 -11.72 -8.92 -8.89
CA ARG B 260 -11.36 -9.92 -9.90
C ARG B 260 -12.55 -10.84 -10.19
N ARG B 261 -13.29 -11.22 -9.14
CA ARG B 261 -14.52 -12.01 -9.29
C ARG B 261 -15.54 -11.30 -10.19
N ALA B 262 -15.75 -10.02 -9.90
CA ALA B 262 -16.82 -9.25 -10.52
C ALA B 262 -16.47 -8.99 -11.98
N LEU B 263 -15.17 -8.91 -12.28
CA LEU B 263 -14.73 -8.49 -13.61
C LEU B 263 -14.31 -9.67 -14.51
N ALA B 264 -14.53 -10.90 -14.04
CA ALA B 264 -14.07 -12.08 -14.79
C ALA B 264 -14.84 -12.29 -16.09
N ARG B 265 -16.15 -12.07 -16.06
CA ARG B 265 -16.96 -12.19 -17.27
C ARG B 265 -18.05 -11.12 -17.24
N TYR B 266 -18.09 -10.29 -18.27
CA TYR B 266 -19.20 -9.33 -18.40
C TYR B 266 -19.52 -9.00 -19.85
C PMS C . 14.82 -12.86 1.81
S PMS C . 15.58 -11.35 2.15
C1 PMS C . 14.48 -12.95 0.33
C2 PMS C . 15.26 -13.69 -0.56
C3 PMS C . 14.96 -13.71 -1.92
C4 PMS C . 13.86 -13.01 -2.42
C5 PMS C . 13.07 -12.30 -1.52
C6 PMS C . 13.39 -12.28 -0.17
O2S PMS C . 16.93 -11.25 1.18
O1S PMS C . 14.70 -10.17 2.20
C1 EDO D . 28.38 -22.31 1.21
O1 EDO D . 28.07 -23.31 0.22
C2 EDO D . 27.16 -21.43 1.40
O2 EDO D . 26.09 -22.17 2.01
C1 EDO E . 12.27 -16.10 -0.69
O1 EDO E . 12.06 -17.25 0.15
C2 EDO E . 11.09 -15.86 -1.62
O2 EDO E . 9.89 -15.70 -0.85
C1 EDO F . 19.32 11.93 15.43
O1 EDO F . 20.75 11.96 15.51
C2 EDO F . 18.69 13.31 15.24
O2 EDO F . 19.36 14.03 14.18
C1 EDO G . -1.94 -9.93 -8.71
O1 EDO G . -1.91 -11.35 -8.47
C2 EDO G . -0.67 -9.44 -9.40
O2 EDO G . 0.51 -9.95 -8.75
C PMS H . -18.80 10.32 0.07
S PMS H . -18.96 9.99 -1.63
C1 PMS H . -19.38 11.69 0.33
C2 PMS H . -20.66 11.79 0.90
C3 PMS H . -21.23 13.04 1.13
C4 PMS H . -20.52 14.20 0.82
C5 PMS H . -19.24 14.12 0.28
C6 PMS H . -18.68 12.86 0.04
O2S PMS H . -20.56 10.05 -2.06
O1S PMS H . -18.00 10.72 -2.49
C1 EDO I . -32.54 2.06 3.82
O1 EDO I . -33.06 2.74 4.96
C2 EDO I . -31.24 2.73 3.41
O2 EDO I . -30.32 2.79 4.52
C1 EDO J . -24.24 22.67 -4.48
O1 EDO J . -24.32 22.05 -5.75
C2 EDO J . -23.21 23.79 -4.56
O2 EDO J . -23.90 24.99 -4.94
C1 EDO K . -7.45 -11.62 -5.10
O1 EDO K . -6.39 -11.10 -5.92
C2 EDO K . -7.00 -11.62 -3.64
O2 EDO K . -6.35 -10.38 -3.34
#